data_1ZSX
#
_entry.id   1ZSX
#
_cell.length_a   113.231
_cell.length_b   113.231
_cell.length_c   142.505
_cell.angle_alpha   90.00
_cell.angle_beta   90.00
_cell.angle_gamma   90.00
#
_symmetry.space_group_name_H-M   'I 4 2 2'
#
loop_
_entity.id
_entity.type
_entity.pdbx_description
1 polymer 'Voltage-gated potassium channel beta-2 subunit'
2 non-polymer 'CHLORIDE ION'
3 non-polymer 'NADP NICOTINAMIDE-ADENINE-DINUCLEOTIDE PHOSPHATE'
4 water water
#
_entity_poly.entity_id   1
_entity_poly.type   'polypeptide(L)'
_entity_poly.pdbx_seq_one_letter_code
;GSSHHHHHHSSGRENLYFQGHMLQFYRNLGKSGLRVSCLGLGTWVTFGGQITDEMAEQLMTLAYDNGINLFDTAEVYAAG
KAEVVLGNIIKKKGWRRSSLVITTKIFWGGKAETERGLSRKHIIEGLKASLERLQLEYVDVVFANRPDPNTPMEETVRAM
THVINQGMAMYWGTSRWSSMEIMEAYSVARQFNLTPPICEQAEYHMFQREKVEVQLPELFHKIGVGAMTWSPLACGIVSG
KYDSGIPPYSRASLKGYQWLKDKILSEEGRRQQAKLKELQAIAERLGCTLPQLAIAWCLRNEGVSSVLLGASNADQLMEN
IGAIQVLPKLSSSIIHEIDSILGNKPY
;
_entity_poly.pdbx_strand_id   A
#
loop_
_chem_comp.id
_chem_comp.type
_chem_comp.name
_chem_comp.formula
CL non-polymer 'CHLORIDE ION' 'Cl -1'
NAP non-polymer 'NADP NICOTINAMIDE-ADENINE-DINUCLEOTIDE PHOSPHATE' 'C21 H28 N7 O17 P3'
#
# COMPACT_ATOMS: atom_id res chain seq x y z
N GLN A 24 16.73 -4.99 -8.77
CA GLN A 24 15.63 -5.10 -9.78
C GLN A 24 14.51 -4.09 -9.46
N PHE A 25 14.36 -3.08 -10.32
CA PHE A 25 13.33 -2.08 -10.14
C PHE A 25 11.95 -2.71 -10.28
N TYR A 26 11.79 -3.62 -11.24
CA TYR A 26 10.54 -4.31 -11.43
C TYR A 26 10.63 -5.68 -10.85
N ARG A 27 9.56 -6.11 -10.18
CA ARG A 27 9.52 -7.48 -9.74
C ARG A 27 8.14 -8.06 -9.78
N ASN A 28 8.11 -9.37 -9.70
CA ASN A 28 6.85 -10.10 -9.70
C ASN A 28 6.09 -9.81 -8.42
N LEU A 29 4.78 -9.61 -8.56
CA LEU A 29 3.89 -9.47 -7.43
C LEU A 29 3.61 -10.86 -6.94
N GLY A 30 4.35 -11.27 -5.91
CA GLY A 30 4.24 -12.61 -5.42
C GLY A 30 4.81 -13.59 -6.42
N LYS A 31 4.18 -14.76 -6.50
CA LYS A 31 4.55 -15.80 -7.44
C LYS A 31 3.92 -15.48 -8.81
N SER A 32 2.99 -14.53 -8.90
CA SER A 32 2.29 -14.25 -10.14
C SER A 32 3.21 -13.70 -11.25
N GLY A 33 2.65 -13.62 -12.46
CA GLY A 33 3.33 -13.09 -13.63
C GLY A 33 3.22 -11.56 -13.72
N LEU A 34 2.50 -10.94 -12.80
CA LEU A 34 2.32 -9.49 -12.81
C LEU A 34 3.58 -8.82 -12.29
N ARG A 35 4.17 -7.97 -13.11
CA ARG A 35 5.39 -7.25 -12.73
C ARG A 35 5.11 -5.81 -12.37
N VAL A 36 5.46 -5.47 -11.13
CA VAL A 36 5.21 -4.13 -10.59
C VAL A 36 6.54 -3.44 -10.32
N SER A 37 6.54 -2.11 -10.39
CA SER A 37 7.65 -1.34 -9.89
C SER A 37 7.73 -1.54 -8.38
N CYS A 38 8.96 -1.54 -7.85
CA CYS A 38 9.24 -1.79 -6.42
C CYS A 38 8.70 -0.65 -5.58
N LEU A 39 8.39 0.49 -6.19
CA LEU A 39 7.60 1.53 -5.51
C LEU A 39 6.31 1.67 -6.28
N GLY A 40 5.22 1.89 -5.56
CA GLY A 40 3.95 2.37 -6.18
C GLY A 40 3.49 3.69 -5.59
N LEU A 41 2.46 4.27 -6.17
CA LEU A 41 1.85 5.48 -5.63
C LEU A 41 0.42 5.18 -5.21
N GLY A 42 0.12 5.44 -3.94
CA GLY A 42 -1.19 5.34 -3.41
C GLY A 42 -1.94 6.63 -3.38
N THR A 43 -3.23 6.55 -3.03
CA THR A 43 -4.11 7.68 -3.09
C THR A 43 -4.88 7.98 -1.81
N TRP A 44 -4.62 7.22 -0.74
CA TRP A 44 -5.24 7.48 0.54
C TRP A 44 -4.93 8.89 1.06
N VAL A 45 -5.95 9.55 1.58
CA VAL A 45 -5.88 10.92 2.12
C VAL A 45 -5.74 12.00 1.08
N THR A 46 -4.85 11.78 0.10
CA THR A 46 -4.50 12.83 -0.81
C THR A 46 -5.49 13.07 -1.96
N PHE A 47 -5.68 12.09 -2.82
CA PHE A 47 -6.47 12.28 -4.04
C PHE A 47 -7.93 12.54 -3.68
N GLY A 48 -8.52 13.55 -4.31
CA GLY A 48 -9.91 13.92 -4.01
C GLY A 48 -10.12 14.45 -2.59
N GLY A 49 -9.01 14.72 -1.88
CA GLY A 49 -9.05 14.98 -0.44
C GLY A 49 -8.12 16.13 -0.06
N GLN A 50 -6.95 15.76 0.41
CA GLN A 50 -5.94 16.73 0.87
C GLN A 50 -5.37 17.57 -0.26
N ILE A 51 -5.19 16.97 -1.42
CA ILE A 51 -4.51 17.68 -2.52
C ILE A 51 -5.45 18.00 -3.66
N THR A 52 -5.08 18.99 -4.48
CA THR A 52 -5.92 19.40 -5.62
C THR A 52 -5.74 18.38 -6.72
N ASP A 53 -6.69 18.37 -7.65
CA ASP A 53 -6.63 17.44 -8.78
C ASP A 53 -5.39 17.71 -9.64
N GLU A 54 -5.03 18.99 -9.77
CA GLU A 54 -3.79 19.34 -10.45
C GLU A 54 -2.54 18.72 -9.79
N MET A 55 -2.47 18.77 -8.47
CA MET A 55 -1.35 18.19 -7.73
C MET A 55 -1.38 16.69 -7.92
N ALA A 56 -2.58 16.11 -7.92
CA ALA A 56 -2.72 14.67 -8.17
C ALA A 56 -2.14 14.27 -9.54
N GLU A 57 -2.43 15.04 -10.57
CA GLU A 57 -1.92 14.77 -11.90
C GLU A 57 -0.40 14.90 -11.95
N GLN A 58 0.12 15.91 -11.27
CA GLN A 58 1.56 16.12 -11.17
C GLN A 58 2.22 14.89 -10.53
N LEU A 59 1.67 14.42 -9.42
CA LEU A 59 2.24 13.24 -8.74
C LEU A 59 2.24 12.05 -9.65
N MET A 60 1.12 11.82 -10.33
CA MET A 60 1.00 10.61 -11.14
CA MET A 60 0.96 10.65 -11.18
C MET A 60 1.97 10.70 -12.29
N THR A 61 2.11 11.90 -12.85
CA THR A 61 3.01 12.11 -13.95
C THR A 61 4.47 11.86 -13.57
N LEU A 62 4.88 12.41 -12.43
CA LEU A 62 6.24 12.17 -11.94
C LEU A 62 6.46 10.70 -11.70
N ALA A 63 5.46 10.03 -11.11
CA ALA A 63 5.60 8.58 -10.81
C ALA A 63 5.80 7.80 -12.11
N TYR A 64 4.88 7.98 -13.04
CA TYR A 64 4.84 7.22 -14.28
C TYR A 64 6.10 7.45 -15.09
N ASP A 65 6.50 8.70 -15.17
CA ASP A 65 7.71 9.06 -15.85
C ASP A 65 8.99 8.49 -15.26
N ASN A 66 8.97 8.17 -13.97
CA ASN A 66 10.11 7.54 -13.31
C ASN A 66 10.01 6.01 -13.34
N GLY A 67 9.06 5.48 -14.11
CA GLY A 67 8.91 4.01 -14.25
C GLY A 67 7.96 3.32 -13.30
N ILE A 68 7.30 4.08 -12.42
CA ILE A 68 6.30 3.53 -11.55
C ILE A 68 5.07 3.14 -12.37
N ASN A 69 4.66 1.89 -12.23
CA ASN A 69 3.51 1.37 -12.94
C ASN A 69 2.36 1.05 -12.05
N LEU A 70 2.56 1.17 -10.75
CA LEU A 70 1.63 0.64 -9.80
C LEU A 70 0.92 1.77 -9.06
N PHE A 71 -0.40 1.82 -9.19
CA PHE A 71 -1.25 2.85 -8.59
C PHE A 71 -2.43 2.24 -7.83
N ASP A 72 -2.55 2.60 -6.54
CA ASP A 72 -3.47 1.98 -5.60
C ASP A 72 -4.52 2.97 -5.07
N THR A 73 -5.75 2.53 -4.97
CA THR A 73 -6.87 3.34 -4.54
C THR A 73 -7.91 2.42 -3.87
N ALA A 74 -9.05 2.98 -3.53
CA ALA A 74 -10.06 2.28 -2.75
C ALA A 74 -11.36 2.93 -2.95
N GLU A 75 -12.44 2.16 -2.88
CA GLU A 75 -13.76 2.82 -3.04
C GLU A 75 -13.99 3.76 -1.85
N VAL A 76 -13.38 3.46 -0.69
CA VAL A 76 -13.61 4.32 0.49
C VAL A 76 -12.87 5.65 0.46
N TYR A 77 -11.81 5.77 -0.34
CA TYR A 77 -10.97 6.96 -0.29
C TYR A 77 -11.73 8.18 -0.81
N ALA A 78 -11.90 9.14 0.09
CA ALA A 78 -12.62 10.39 -0.23
C ALA A 78 -13.99 10.11 -0.86
N ALA A 79 -14.63 9.07 -0.37
CA ALA A 79 -15.98 8.66 -0.77
C ALA A 79 -16.10 8.45 -2.29
N GLY A 80 -15.11 7.79 -2.88
CA GLY A 80 -15.07 7.55 -4.31
C GLY A 80 -14.36 8.60 -5.13
N LYS A 81 -14.08 9.77 -4.56
CA LYS A 81 -13.39 10.81 -5.30
C LYS A 81 -11.94 10.51 -5.68
N ALA A 82 -11.22 9.71 -4.91
CA ALA A 82 -9.86 9.38 -5.26
C ALA A 82 -9.90 8.63 -6.61
N GLU A 83 -10.88 7.74 -6.78
CA GLU A 83 -11.02 6.93 -7.97
C GLU A 83 -11.35 7.78 -9.17
N VAL A 84 -12.21 8.76 -9.00
CA VAL A 84 -12.60 9.68 -10.08
C VAL A 84 -11.37 10.46 -10.56
N VAL A 85 -10.61 11.02 -9.61
CA VAL A 85 -9.38 11.77 -9.94
C VAL A 85 -8.34 10.89 -10.65
N LEU A 86 -8.05 9.73 -10.11
CA LEU A 86 -7.08 8.87 -10.71
C LEU A 86 -7.50 8.49 -12.15
N GLY A 87 -8.79 8.22 -12.35
CA GLY A 87 -9.29 7.82 -13.65
C GLY A 87 -9.28 8.93 -14.66
N ASN A 88 -9.57 10.14 -14.20
CA ASN A 88 -9.48 11.29 -15.05
C ASN A 88 -8.07 11.49 -15.53
N ILE A 89 -7.10 11.32 -14.64
CA ILE A 89 -5.69 11.55 -15.00
C ILE A 89 -5.27 10.56 -16.07
N ILE A 90 -5.61 9.30 -15.86
CA ILE A 90 -5.25 8.27 -16.85
C ILE A 90 -5.83 8.62 -18.24
N LYS A 91 -7.07 9.07 -18.29
CA LYS A 91 -7.76 9.36 -19.53
C LYS A 91 -7.18 10.60 -20.19
N LYS A 92 -6.90 11.63 -19.41
CA LYS A 92 -6.33 12.88 -19.94
C LYS A 92 -4.89 12.64 -20.48
N LYS A 93 -4.12 11.79 -19.83
CA LYS A 93 -2.72 11.55 -20.21
C LYS A 93 -2.63 10.60 -21.39
N GLY A 94 -3.64 9.75 -21.56
CA GLY A 94 -3.67 8.86 -22.73
C GLY A 94 -2.73 7.68 -22.59
N TRP A 95 -2.25 7.42 -21.38
CA TRP A 95 -1.30 6.33 -21.16
C TRP A 95 -1.92 5.02 -21.57
N ARG A 96 -1.11 4.13 -22.15
CA ARG A 96 -1.58 2.79 -22.49
C ARG A 96 -2.03 2.02 -21.25
N ARG A 97 -3.25 1.48 -21.29
CA ARG A 97 -3.75 0.66 -20.20
C ARG A 97 -2.83 -0.51 -19.86
N SER A 98 -2.22 -1.10 -20.88
CA SER A 98 -1.32 -2.23 -20.72
C SER A 98 0.03 -1.91 -20.00
N SER A 99 0.31 -0.62 -19.82
CA SER A 99 1.54 -0.13 -19.16
C SER A 99 1.30 0.18 -17.68
N LEU A 100 0.04 0.06 -17.26
CA LEU A 100 -0.38 0.44 -15.92
C LEU A 100 -0.84 -0.76 -15.15
N VAL A 101 -0.58 -0.74 -13.85
CA VAL A 101 -1.12 -1.71 -12.91
C VAL A 101 -1.95 -0.96 -11.89
N ILE A 102 -3.27 -1.01 -12.04
CA ILE A 102 -4.19 -0.28 -11.20
C ILE A 102 -4.81 -1.23 -10.20
N THR A 103 -4.83 -0.84 -8.95
CA THR A 103 -5.35 -1.71 -7.88
C THR A 103 -6.41 -0.94 -7.13
N THR A 104 -7.50 -1.62 -6.79
CA THR A 104 -8.48 -1.00 -5.93
C THR A 104 -8.95 -1.97 -4.89
N LYS A 105 -9.51 -1.40 -3.82
CA LYS A 105 -9.80 -2.11 -2.61
C LYS A 105 -11.25 -1.93 -2.24
N ILE A 106 -11.91 -3.03 -1.95
CA ILE A 106 -13.34 -3.05 -1.67
C ILE A 106 -13.63 -3.37 -0.20
N PHE A 107 -14.48 -2.56 0.44
CA PHE A 107 -15.10 -2.97 1.72
C PHE A 107 -16.16 -1.98 2.12
N TRP A 108 -15.82 -0.70 2.19
CA TRP A 108 -16.79 0.33 2.57
C TRP A 108 -17.21 1.09 1.35
N GLY A 109 -18.41 0.79 0.82
CA GLY A 109 -18.90 1.39 -0.40
C GLY A 109 -20.12 2.28 -0.28
N GLY A 110 -20.49 2.64 0.94
CA GLY A 110 -21.69 3.41 1.18
C GLY A 110 -22.28 3.19 2.56
N LYS A 111 -23.35 3.90 2.85
CA LYS A 111 -23.98 3.92 4.17
C LYS A 111 -25.03 2.86 4.40
N ALA A 112 -25.65 2.34 3.33
CA ALA A 112 -26.65 1.26 3.46
C ALA A 112 -26.00 0.00 3.97
N GLU A 113 -26.80 -0.85 4.60
CA GLU A 113 -26.31 -2.04 5.26
C GLU A 113 -25.58 -2.93 4.24
N THR A 114 -26.13 -2.99 3.03
CA THR A 114 -25.63 -3.88 1.96
C THR A 114 -24.50 -3.28 1.12
N GLU A 115 -24.09 -2.06 1.47
CA GLU A 115 -22.98 -1.36 0.81
C GLU A 115 -21.63 -1.51 1.52
N ARG A 116 -21.51 -2.48 2.42
CA ARG A 116 -20.25 -2.71 3.06
C ARG A 116 -20.02 -4.20 3.19
N GLY A 117 -18.75 -4.57 3.20
CA GLY A 117 -18.38 -5.95 3.44
C GLY A 117 -17.88 -6.66 2.21
N LEU A 118 -17.67 -7.95 2.36
CA LEU A 118 -17.13 -8.76 1.31
C LEU A 118 -18.16 -9.79 0.85
N SER A 119 -19.43 -9.43 0.92
CA SER A 119 -20.46 -10.26 0.33
C SER A 119 -20.30 -10.28 -1.19
N ARG A 120 -20.89 -11.28 -1.82
CA ARG A 120 -20.91 -11.28 -3.29
C ARG A 120 -21.56 -10.01 -3.82
N LYS A 121 -22.71 -9.65 -3.25
CA LYS A 121 -23.44 -8.46 -3.66
C LYS A 121 -22.50 -7.23 -3.62
N HIS A 122 -21.81 -7.02 -2.50
CA HIS A 122 -20.99 -5.84 -2.40
C HIS A 122 -19.69 -5.86 -3.22
N ILE A 123 -19.08 -7.03 -3.36
CA ILE A 123 -17.91 -7.12 -4.20
C ILE A 123 -18.20 -6.81 -5.64
N ILE A 124 -19.28 -7.40 -6.16
CA ILE A 124 -19.67 -7.13 -7.54
C ILE A 124 -20.14 -5.68 -7.71
N GLU A 125 -21.03 -5.25 -6.83
CA GLU A 125 -21.51 -3.92 -6.89
C GLU A 125 -20.45 -2.86 -6.64
N GLY A 126 -19.63 -3.08 -5.65
CA GLY A 126 -18.57 -2.17 -5.30
C GLY A 126 -17.53 -2.04 -6.39
N LEU A 127 -17.10 -3.18 -6.94
CA LEU A 127 -16.10 -3.16 -7.99
C LEU A 127 -16.68 -2.47 -9.24
N LYS A 128 -17.93 -2.79 -9.61
CA LYS A 128 -18.55 -2.12 -10.75
C LYS A 128 -18.57 -0.63 -10.62
N ALA A 129 -18.97 -0.14 -9.44
CA ALA A 129 -19.07 1.31 -9.21
C ALA A 129 -17.66 1.91 -9.23
N SER A 130 -16.70 1.20 -8.66
CA SER A 130 -15.31 1.70 -8.75
C SER A 130 -14.82 1.83 -10.18
N LEU A 131 -15.12 0.85 -11.01
CA LEU A 131 -14.67 0.80 -12.40
C LEU A 131 -15.33 1.96 -13.14
N GLU A 132 -16.59 2.23 -12.83
CA GLU A 132 -17.28 3.36 -13.44
C GLU A 132 -16.62 4.69 -13.06
N ARG A 133 -16.28 4.86 -11.78
CA ARG A 133 -15.58 6.07 -11.32
C ARG A 133 -14.20 6.13 -11.93
N LEU A 134 -13.49 5.01 -11.99
CA LEU A 134 -12.16 4.98 -12.63
C LEU A 134 -12.20 5.16 -14.16
N GLN A 135 -13.35 4.96 -14.77
CA GLN A 135 -13.51 4.91 -16.22
C GLN A 135 -12.63 3.86 -16.85
N LEU A 136 -12.57 2.69 -16.20
CA LEU A 136 -11.77 1.59 -16.68
C LEU A 136 -12.68 0.40 -16.89
N GLU A 137 -12.30 -0.53 -17.77
CA GLU A 137 -13.01 -1.79 -17.91
C GLU A 137 -12.63 -2.79 -16.86
N TYR A 138 -11.43 -2.67 -16.30
CA TYR A 138 -10.99 -3.58 -15.26
C TYR A 138 -9.87 -2.96 -14.46
N VAL A 139 -9.65 -3.48 -13.26
CA VAL A 139 -8.45 -3.20 -12.48
C VAL A 139 -7.54 -4.41 -12.61
N ASP A 140 -6.26 -4.22 -12.36
CA ASP A 140 -5.33 -5.34 -12.38
C ASP A 140 -5.50 -6.15 -11.16
N VAL A 141 -5.68 -5.48 -10.03
CA VAL A 141 -5.84 -6.24 -8.80
C VAL A 141 -6.99 -5.64 -7.97
N VAL A 142 -7.95 -6.45 -7.62
CA VAL A 142 -8.98 -6.03 -6.65
C VAL A 142 -8.63 -6.65 -5.32
N PHE A 143 -8.60 -5.82 -4.27
CA PHE A 143 -8.32 -6.27 -2.90
C PHE A 143 -9.56 -6.25 -2.00
N ALA A 144 -9.66 -7.24 -1.14
CA ALA A 144 -10.51 -7.16 0.05
C ALA A 144 -9.79 -6.22 1.02
N ASN A 145 -10.39 -5.07 1.34
CA ASN A 145 -9.72 -3.96 2.05
C ASN A 145 -9.48 -4.30 3.51
N ARG A 146 -10.30 -5.21 4.04
CA ARG A 146 -10.10 -5.81 5.33
C ARG A 146 -10.85 -7.14 5.36
N PRO A 147 -10.66 -7.93 6.42
CA PRO A 147 -11.46 -9.18 6.49
C PRO A 147 -12.92 -8.94 6.87
N ASP A 148 -13.81 -9.89 6.56
CA ASP A 148 -15.24 -9.76 6.86
C ASP A 148 -15.73 -10.97 7.63
N PRO A 149 -15.80 -10.84 8.98
CA PRO A 149 -16.28 -11.94 9.77
C PRO A 149 -17.76 -12.25 9.53
N ASN A 150 -18.50 -11.35 8.89
CA ASN A 150 -19.91 -11.60 8.58
C ASN A 150 -20.20 -12.28 7.23
N THR A 151 -19.16 -12.59 6.45
CA THR A 151 -19.33 -13.25 5.17
C THR A 151 -18.47 -14.50 5.15
N PRO A 152 -19.04 -15.63 4.74
CA PRO A 152 -18.26 -16.84 4.68
C PRO A 152 -17.15 -16.71 3.65
N MET A 153 -16.01 -17.28 3.94
CA MET A 153 -14.87 -17.15 3.02
C MET A 153 -15.20 -17.69 1.65
N GLU A 154 -15.98 -18.75 1.58
CA GLU A 154 -16.32 -19.36 0.29
C GLU A 154 -17.03 -18.37 -0.60
N GLU A 155 -17.97 -17.63 -0.04
CA GLU A 155 -18.69 -16.64 -0.80
C GLU A 155 -17.77 -15.56 -1.32
N THR A 156 -16.86 -15.11 -0.46
CA THR A 156 -15.93 -14.06 -0.83
C THR A 156 -15.01 -14.55 -1.98
N VAL A 157 -14.48 -15.76 -1.85
CA VAL A 157 -13.58 -16.22 -2.88
C VAL A 157 -14.29 -16.50 -4.18
N ARG A 158 -15.50 -17.02 -4.08
CA ARG A 158 -16.33 -17.22 -5.29
C ARG A 158 -16.63 -15.91 -5.97
N ALA A 159 -16.90 -14.90 -5.15
CA ALA A 159 -17.18 -13.61 -5.70
C ALA A 159 -15.97 -12.96 -6.41
N MET A 160 -14.81 -13.05 -5.78
CA MET A 160 -13.57 -12.54 -6.38
C MET A 160 -13.27 -13.32 -7.66
N THR A 161 -13.40 -14.65 -7.64
CA THR A 161 -13.28 -15.46 -8.88
C THR A 161 -14.22 -15.04 -9.97
N HIS A 162 -15.43 -14.74 -9.59
CA HIS A 162 -16.44 -14.30 -10.53
C HIS A 162 -16.05 -12.98 -11.20
N VAL A 163 -15.67 -11.99 -10.43
CA VAL A 163 -15.29 -10.69 -11.08
C VAL A 163 -14.03 -10.84 -11.96
N ILE A 164 -13.13 -11.75 -11.60
CA ILE A 164 -11.98 -12.02 -12.45
C ILE A 164 -12.43 -12.68 -13.77
N ASN A 165 -13.26 -13.72 -13.64
CA ASN A 165 -13.77 -14.44 -14.77
C ASN A 165 -14.68 -13.59 -15.66
N GLN A 166 -15.36 -12.59 -15.10
CA GLN A 166 -16.13 -11.65 -15.89
C GLN A 166 -15.29 -10.54 -16.48
N GLY A 167 -14.00 -10.49 -16.19
CA GLY A 167 -13.11 -9.50 -16.78
C GLY A 167 -13.13 -8.11 -16.16
N MET A 168 -13.54 -8.01 -14.88
CA MET A 168 -13.53 -6.75 -14.14
C MET A 168 -12.24 -6.59 -13.35
N ALA A 169 -11.52 -7.68 -13.16
CA ALA A 169 -10.21 -7.65 -12.51
C ALA A 169 -9.34 -8.74 -13.13
N MET A 170 -8.03 -8.60 -13.06
CA MET A 170 -7.15 -9.63 -13.57
C MET A 170 -6.78 -10.57 -12.46
N TYR A 171 -6.64 -10.03 -11.25
CA TYR A 171 -6.19 -10.77 -10.07
C TYR A 171 -6.88 -10.22 -8.84
N TRP A 172 -6.77 -10.94 -7.73
CA TRP A 172 -7.25 -10.38 -6.46
C TRP A 172 -6.30 -10.61 -5.31
N GLY A 173 -6.50 -9.79 -4.27
CA GLY A 173 -5.63 -9.81 -3.13
C GLY A 173 -6.39 -9.48 -1.87
N THR A 174 -5.67 -9.58 -0.77
CA THR A 174 -6.23 -9.30 0.53
C THR A 174 -5.48 -8.16 1.15
N SER A 175 -6.11 -7.53 2.13
CA SER A 175 -5.47 -6.47 2.86
C SER A 175 -5.88 -6.54 4.31
N ARG A 176 -4.88 -6.50 5.17
CA ARG A 176 -5.02 -6.61 6.59
C ARG A 176 -5.64 -7.91 7.02
N TRP A 177 -5.46 -8.95 6.23
CA TRP A 177 -5.89 -10.27 6.67
C TRP A 177 -4.75 -10.93 7.42
N SER A 178 -5.09 -11.76 8.38
CA SER A 178 -4.13 -12.64 9.01
C SER A 178 -3.65 -13.68 8.03
N SER A 179 -2.45 -14.20 8.27
CA SER A 179 -1.89 -15.31 7.51
CA SER A 179 -1.93 -15.26 7.44
C SER A 179 -2.86 -16.49 7.48
N MET A 180 -3.54 -16.72 8.60
CA MET A 180 -4.49 -17.81 8.68
C MET A 180 -5.71 -17.62 7.74
N GLU A 181 -6.26 -16.40 7.68
CA GLU A 181 -7.35 -16.04 6.77
C GLU A 181 -6.95 -16.08 5.31
N ILE A 182 -5.71 -15.70 5.02
CA ILE A 182 -5.20 -15.84 3.67
C ILE A 182 -5.08 -17.26 3.24
N MET A 183 -4.57 -18.09 4.13
CA MET A 183 -4.49 -19.48 3.83
C MET A 183 -5.87 -20.12 3.73
N GLU A 184 -6.84 -19.60 4.46
CA GLU A 184 -8.24 -20.07 4.28
C GLU A 184 -8.79 -19.77 2.92
N ALA A 185 -8.52 -18.59 2.41
CA ALA A 185 -8.87 -18.26 1.04
C ALA A 185 -8.24 -19.22 0.05
N TYR A 186 -6.98 -19.55 0.28
CA TYR A 186 -6.25 -20.51 -0.56
C TYR A 186 -6.91 -21.86 -0.47
N SER A 187 -7.26 -22.29 0.74
CA SER A 187 -7.88 -23.62 0.94
C SER A 187 -9.18 -23.70 0.16
N VAL A 188 -10.00 -22.67 0.26
CA VAL A 188 -11.27 -22.63 -0.40
C VAL A 188 -11.08 -22.63 -1.93
N ALA A 189 -10.14 -21.85 -2.44
CA ALA A 189 -9.85 -21.86 -3.88
C ALA A 189 -9.45 -23.24 -4.35
N ARG A 190 -8.61 -23.93 -3.61
CA ARG A 190 -8.20 -25.23 -4.05
C ARG A 190 -9.31 -26.28 -3.88
N GLN A 191 -10.15 -26.16 -2.86
CA GLN A 191 -11.20 -27.13 -2.66
C GLN A 191 -12.28 -27.05 -3.71
N PHE A 192 -12.57 -25.85 -4.17
CA PHE A 192 -13.67 -25.62 -5.12
C PHE A 192 -13.21 -25.18 -6.50
N ASN A 193 -11.91 -25.26 -6.75
CA ASN A 193 -11.30 -24.89 -8.02
C ASN A 193 -11.59 -23.47 -8.43
N LEU A 194 -11.39 -22.58 -7.49
CA LEU A 194 -11.54 -21.17 -7.67
C LEU A 194 -10.15 -20.51 -7.79
N THR A 195 -10.14 -19.19 -7.94
CA THR A 195 -8.87 -18.48 -8.09
C THR A 195 -8.34 -18.03 -6.73
N PRO A 196 -7.11 -18.45 -6.35
CA PRO A 196 -6.51 -17.91 -5.12
C PRO A 196 -6.05 -16.45 -5.24
N PRO A 197 -5.91 -15.73 -4.11
CA PRO A 197 -5.39 -14.37 -4.10
C PRO A 197 -3.89 -14.41 -4.37
N ILE A 198 -3.35 -13.37 -4.95
CA ILE A 198 -1.90 -13.36 -5.28
C ILE A 198 -1.05 -12.50 -4.39
N CYS A 199 -1.69 -11.65 -3.57
CA CYS A 199 -0.98 -10.65 -2.78
CA CYS A 199 -0.92 -10.80 -2.66
C CYS A 199 -1.75 -10.26 -1.51
N GLU A 200 -1.01 -9.90 -0.45
CA GLU A 200 -1.53 -9.28 0.76
C GLU A 200 -0.96 -7.85 0.80
N GLN A 201 -1.84 -6.90 1.03
CA GLN A 201 -1.40 -5.53 1.20
C GLN A 201 -1.32 -5.24 2.72
N ALA A 202 -0.10 -5.18 3.23
CA ALA A 202 0.17 -5.13 4.66
C ALA A 202 0.97 -3.89 5.03
N GLU A 203 0.73 -3.38 6.23
CA GLU A 203 1.50 -2.29 6.75
C GLU A 203 2.91 -2.74 7.03
N TYR A 204 3.88 -1.94 6.64
CA TYR A 204 5.27 -2.21 6.95
C TYR A 204 6.10 -0.96 7.07
N HIS A 205 6.75 -0.79 8.20
CA HIS A 205 7.71 0.27 8.36
C HIS A 205 8.56 -0.09 9.55
N MET A 206 9.53 0.75 9.87
CA MET A 206 10.47 0.44 10.93
C MET A 206 9.85 0.15 12.29
N PHE A 207 8.64 0.66 12.53
CA PHE A 207 7.92 0.42 13.79
C PHE A 207 6.77 -0.59 13.69
N GLN A 208 6.71 -1.32 12.58
CA GLN A 208 5.64 -2.30 12.39
C GLN A 208 6.15 -3.33 11.41
N ARG A 209 6.74 -4.39 11.95
CA ARG A 209 7.61 -5.29 11.20
C ARG A 209 7.22 -6.76 11.18
N GLU A 210 6.49 -7.19 12.19
CA GLU A 210 6.35 -8.62 12.47
C GLU A 210 5.63 -9.36 11.33
N LYS A 211 4.49 -8.85 10.89
CA LYS A 211 3.72 -9.53 9.84
C LYS A 211 4.55 -9.71 8.58
N VAL A 212 5.18 -8.63 8.12
CA VAL A 212 5.94 -8.71 6.87
C VAL A 212 7.24 -9.51 6.99
N GLU A 213 7.88 -9.49 8.16
CA GLU A 213 9.24 -10.09 8.26
C GLU A 213 9.20 -11.54 8.68
N VAL A 214 8.11 -11.93 9.35
CA VAL A 214 8.01 -13.23 9.93
C VAL A 214 6.95 -14.07 9.21
N GLN A 215 5.72 -13.58 9.16
CA GLN A 215 4.60 -14.35 8.63
C GLN A 215 4.54 -14.42 7.12
N LEU A 216 4.63 -13.29 6.48
CA LEU A 216 4.52 -13.26 5.05
C LEU A 216 5.54 -14.12 4.28
N PRO A 217 6.81 -14.13 4.69
CA PRO A 217 7.74 -15.03 4.06
C PRO A 217 7.27 -16.47 4.02
N GLU A 218 6.68 -16.94 5.11
CA GLU A 218 6.22 -18.32 5.19
C GLU A 218 5.07 -18.58 4.23
N LEU A 219 4.18 -17.58 4.13
CA LEU A 219 3.06 -17.61 3.24
C LEU A 219 3.53 -17.52 1.79
N PHE A 220 4.61 -16.78 1.54
CA PHE A 220 5.10 -16.69 0.16
C PHE A 220 5.65 -18.04 -0.27
N HIS A 221 6.38 -18.69 0.63
CA HIS A 221 6.98 -19.95 0.31
CA HIS A 221 6.99 -19.99 0.36
C HIS A 221 5.94 -21.08 0.17
N LYS A 222 4.85 -21.03 0.92
CA LYS A 222 3.87 -22.09 0.90
C LYS A 222 2.84 -21.96 -0.23
N ILE A 223 2.31 -20.77 -0.44
CA ILE A 223 1.25 -20.60 -1.43
C ILE A 223 1.47 -19.45 -2.37
N GLY A 224 2.68 -18.89 -2.39
CA GLY A 224 3.05 -17.91 -3.39
C GLY A 224 2.49 -16.52 -3.26
N VAL A 225 1.89 -16.20 -2.13
CA VAL A 225 1.26 -14.91 -1.96
C VAL A 225 2.35 -13.85 -1.68
N GLY A 226 2.31 -12.74 -2.42
CA GLY A 226 3.32 -11.71 -2.26
C GLY A 226 2.86 -10.62 -1.32
N ALA A 227 3.70 -9.62 -1.12
CA ALA A 227 3.46 -8.56 -0.17
C ALA A 227 3.65 -7.26 -0.89
N MET A 228 2.62 -6.43 -0.81
CA MET A 228 2.62 -5.08 -1.33
C MET A 228 2.40 -4.25 -0.08
N THR A 229 3.38 -3.47 0.33
CA THR A 229 3.29 -2.89 1.66
C THR A 229 2.87 -1.46 1.64
N TRP A 230 2.35 -1.02 2.77
CA TRP A 230 1.81 0.31 2.88
C TRP A 230 2.30 1.05 4.14
N SER A 231 2.08 2.36 4.11
CA SER A 231 2.55 3.31 5.12
C SER A 231 4.01 3.13 5.50
N PRO A 232 4.91 3.20 4.52
CA PRO A 232 6.31 2.97 4.81
C PRO A 232 6.95 4.06 5.69
N LEU A 233 6.31 5.22 5.75
CA LEU A 233 6.73 6.30 6.64
C LEU A 233 5.83 6.46 7.85
N ALA A 234 5.01 5.45 8.12
CA ALA A 234 4.07 5.47 9.24
C ALA A 234 3.26 6.74 9.23
N CYS A 235 2.66 7.02 8.07
CA CYS A 235 1.78 8.17 7.85
C CYS A 235 2.53 9.49 7.83
N GLY A 236 3.86 9.43 7.74
CA GLY A 236 4.72 10.61 7.66
C GLY A 236 5.53 10.80 8.91
N ILE A 237 5.17 10.09 9.94
CA ILE A 237 5.88 10.15 11.21
C ILE A 237 7.38 9.94 11.03
N VAL A 238 7.74 9.03 10.14
CA VAL A 238 9.15 8.69 9.93
C VAL A 238 10.01 9.83 9.36
N SER A 239 9.38 10.81 8.72
CA SER A 239 10.11 11.98 8.26
C SER A 239 10.74 12.81 9.37
N GLY A 240 10.30 12.61 10.61
CA GLY A 240 10.72 13.46 11.74
C GLY A 240 9.95 14.77 11.90
N LYS A 241 8.99 15.05 11.02
CA LYS A 241 8.31 16.36 10.99
C LYS A 241 7.55 16.67 12.26
N TYR A 242 7.24 15.65 13.06
CA TYR A 242 6.48 15.86 14.30
C TYR A 242 7.35 16.00 15.54
N ASP A 243 8.64 16.26 15.34
CA ASP A 243 9.57 16.42 16.45
C ASP A 243 9.13 17.50 17.41
N SER A 244 8.61 18.61 16.91
CA SER A 244 8.28 19.76 17.76
C SER A 244 6.79 20.01 17.90
N GLY A 245 5.99 18.99 17.63
CA GLY A 245 4.55 19.08 17.64
C GLY A 245 3.95 18.84 16.26
N ILE A 246 2.73 19.31 16.08
CA ILE A 246 1.95 19.03 14.89
C ILE A 246 2.05 20.22 13.94
N PRO A 247 2.85 20.10 12.86
CA PRO A 247 2.95 21.22 11.94
C PRO A 247 1.63 21.44 11.21
N PRO A 248 1.31 22.70 10.89
CA PRO A 248 0.12 22.91 10.05
C PRO A 248 0.27 22.25 8.70
N TYR A 249 -0.83 21.79 8.14
CA TYR A 249 -0.86 21.14 6.82
C TYR A 249 -0.37 19.71 6.82
N SER A 250 0.11 19.23 7.97
CA SER A 250 0.52 17.84 8.12
C SER A 250 -0.70 16.94 8.22
N ARG A 251 -0.52 15.68 7.89
CA ARG A 251 -1.65 14.76 7.88
C ARG A 251 -2.35 14.82 9.24
N ALA A 252 -1.55 14.91 10.31
CA ALA A 252 -2.11 14.80 11.67
C ALA A 252 -2.90 16.05 12.03
N SER A 253 -2.72 17.12 11.27
CA SER A 253 -3.49 18.34 11.47
C SER A 253 -4.87 18.32 10.80
N LEU A 254 -5.14 17.40 9.90
CA LEU A 254 -6.33 17.49 9.06
C LEU A 254 -7.59 17.01 9.80
N LYS A 255 -8.74 17.58 9.43
CA LYS A 255 -10.03 17.10 9.95
C LYS A 255 -10.18 15.62 9.71
N GLY A 256 -10.43 14.88 10.77
CA GLY A 256 -10.65 13.44 10.67
C GLY A 256 -9.45 12.58 11.03
N TYR A 257 -8.32 13.21 11.37
CA TYR A 257 -7.08 12.48 11.65
C TYR A 257 -6.62 12.70 13.08
N GLN A 258 -7.54 13.09 13.95
CA GLN A 258 -7.21 13.21 15.36
C GLN A 258 -6.65 11.91 15.91
N TRP A 259 -7.12 10.77 15.39
CA TRP A 259 -6.54 9.48 15.80
C TRP A 259 -5.02 9.45 15.61
N LEU A 260 -4.55 10.11 14.55
CA LEU A 260 -3.15 10.05 14.21
C LEU A 260 -2.40 11.05 15.07
N LYS A 261 -3.01 12.22 15.27
CA LYS A 261 -2.50 13.19 16.24
C LYS A 261 -2.31 12.54 17.61
N ASP A 262 -3.29 11.72 18.01
CA ASP A 262 -3.23 11.03 19.29
C ASP A 262 -2.09 10.01 19.37
N LYS A 263 -1.88 9.26 18.30
CA LYS A 263 -0.75 8.33 18.21
C LYS A 263 0.59 9.07 18.33
N ILE A 264 0.73 10.15 17.56
CA ILE A 264 1.95 10.94 17.51
C ILE A 264 2.30 11.51 18.89
N LEU A 265 1.28 11.97 19.61
CA LEU A 265 1.48 12.61 20.88
C LEU A 265 1.36 11.64 22.06
N SER A 266 1.26 10.35 21.77
CA SER A 266 1.27 9.34 22.82
C SER A 266 2.70 9.13 23.31
N GLU A 267 2.82 8.59 24.50
CA GLU A 267 4.08 8.12 25.02
C GLU A 267 4.84 7.28 24.00
N GLU A 268 4.17 6.31 23.38
CA GLU A 268 4.81 5.47 22.34
C GLU A 268 5.21 6.27 21.11
N GLY A 269 4.36 7.21 20.70
CA GLY A 269 4.71 8.12 19.61
C GLY A 269 6.00 8.87 19.86
N ARG A 270 6.18 9.35 21.10
CA ARG A 270 7.38 10.10 21.44
C ARG A 270 8.58 9.18 21.56
N ARG A 271 8.36 7.94 22.01
CA ARG A 271 9.45 6.97 22.10
CA ARG A 271 9.40 6.93 22.08
C ARG A 271 9.99 6.69 20.69
N GLN A 272 9.11 6.56 19.69
CA GLN A 272 9.59 6.33 18.32
C GLN A 272 10.21 7.59 17.70
N GLN A 273 9.69 8.78 18.03
CA GLN A 273 10.33 10.03 17.62
C GLN A 273 11.78 10.13 18.07
N ALA A 274 12.06 9.66 19.28
CA ALA A 274 13.42 9.68 19.84
C ALA A 274 14.37 8.80 19.03
N LYS A 275 13.86 7.65 18.57
CA LYS A 275 14.64 6.75 17.74
C LYS A 275 14.96 7.36 16.39
N LEU A 276 14.04 8.16 15.87
CA LEU A 276 14.27 8.81 14.57
C LEU A 276 15.47 9.72 14.58
N LYS A 277 15.72 10.39 15.71
CA LYS A 277 16.91 11.24 15.85
C LYS A 277 18.16 10.41 15.65
N GLU A 278 18.22 9.23 16.27
CA GLU A 278 19.36 8.32 16.08
C GLU A 278 19.48 7.81 14.63
N LEU A 279 18.33 7.48 14.02
CA LEU A 279 18.31 7.04 12.62
C LEU A 279 18.75 8.14 11.66
N GLN A 280 18.36 9.37 11.97
CA GLN A 280 18.76 10.52 11.17
C GLN A 280 20.31 10.56 11.04
N ALA A 281 21.03 10.26 12.11
CA ALA A 281 22.47 10.20 12.06
C ALA A 281 22.97 9.19 11.02
N ILE A 282 22.30 8.04 10.92
CA ILE A 282 22.68 7.07 9.89
C ILE A 282 22.40 7.63 8.48
N ALA A 283 21.25 8.28 8.30
CA ALA A 283 20.90 8.91 7.02
C ALA A 283 21.98 9.90 6.59
N GLU A 284 22.38 10.77 7.51
CA GLU A 284 23.40 11.79 7.22
C GLU A 284 24.69 11.14 6.71
N ARG A 285 25.09 10.04 7.35
CA ARG A 285 26.30 9.32 6.94
C ARG A 285 26.17 8.70 5.57
N LEU A 286 24.95 8.31 5.20
CA LEU A 286 24.72 7.76 3.88
C LEU A 286 24.48 8.85 2.86
N GLY A 287 24.35 10.09 3.34
CA GLY A 287 24.03 11.22 2.47
C GLY A 287 22.62 11.14 1.88
N CYS A 288 21.67 10.58 2.65
CA CYS A 288 20.28 10.54 2.20
C CYS A 288 19.39 11.08 3.28
N THR A 289 18.11 11.27 2.97
CA THR A 289 17.13 11.73 3.95
C THR A 289 16.60 10.53 4.76
N LEU A 290 15.97 10.80 5.89
CA LEU A 290 15.43 9.72 6.70
C LEU A 290 14.34 8.92 5.96
N PRO A 291 13.41 9.61 5.26
CA PRO A 291 12.42 8.89 4.42
C PRO A 291 13.05 8.02 3.34
N GLN A 292 14.10 8.52 2.69
CA GLN A 292 14.82 7.70 1.71
C GLN A 292 15.37 6.45 2.35
N LEU A 293 15.98 6.62 3.51
CA LEU A 293 16.50 5.51 4.29
C LEU A 293 15.37 4.52 4.67
N ALA A 294 14.26 5.05 5.13
CA ALA A 294 13.16 4.23 5.61
C ALA A 294 12.51 3.40 4.49
N ILE A 295 12.35 4.01 3.33
CA ILE A 295 11.75 3.32 2.15
C ILE A 295 12.74 2.31 1.59
N ALA A 296 14.00 2.68 1.46
CA ALA A 296 15.03 1.71 1.04
C ALA A 296 15.07 0.52 1.99
N TRP A 297 14.99 0.80 3.28
CA TRP A 297 14.95 -0.26 4.31
C TRP A 297 13.80 -1.26 4.07
N CYS A 298 12.61 -0.77 3.75
CA CYS A 298 11.47 -1.60 3.43
C CYS A 298 11.72 -2.53 2.23
N LEU A 299 12.47 -2.02 1.25
CA LEU A 299 12.77 -2.76 0.01
C LEU A 299 14.02 -3.64 0.09
N ARG A 300 14.75 -3.60 1.20
CA ARG A 300 15.98 -4.40 1.35
C ARG A 300 15.60 -5.87 1.23
N ASN A 301 14.43 -6.16 1.77
CA ASN A 301 13.61 -7.38 1.76
CA ASN A 301 13.92 -7.52 1.66
C ASN A 301 13.25 -7.80 0.30
N GLU A 302 13.86 -8.79 -0.36
CA GLU A 302 13.35 -9.18 -1.71
C GLU A 302 11.90 -9.77 -1.68
N GLY A 303 11.45 -10.29 -0.52
CA GLY A 303 10.05 -10.70 -0.33
C GLY A 303 8.96 -9.60 -0.40
N VAL A 304 9.35 -8.36 -0.29
CA VAL A 304 8.42 -7.26 -0.50
C VAL A 304 8.44 -6.96 -2.00
N SER A 305 7.32 -7.17 -2.68
CA SER A 305 7.20 -6.85 -4.11
C SER A 305 7.18 -5.38 -4.43
N SER A 306 6.46 -4.59 -3.65
CA SER A 306 6.41 -3.18 -3.89
C SER A 306 6.02 -2.50 -2.60
N VAL A 307 6.42 -1.23 -2.49
CA VAL A 307 6.11 -0.37 -1.33
C VAL A 307 5.26 0.71 -1.89
N LEU A 308 4.06 0.86 -1.35
CA LEU A 308 3.17 1.93 -1.76
C LEU A 308 3.55 3.23 -1.07
N LEU A 309 3.88 4.25 -1.86
CA LEU A 309 4.22 5.56 -1.33
C LEU A 309 2.99 6.40 -1.17
N GLY A 310 3.04 7.29 -0.18
CA GLY A 310 2.10 8.38 -0.10
C GLY A 310 2.84 9.69 -0.19
N ALA A 311 2.22 10.67 -0.80
CA ALA A 311 2.83 12.00 -0.89
C ALA A 311 1.77 13.03 -1.03
N SER A 312 1.88 14.10 -0.25
CA SER A 312 0.97 15.22 -0.30
C SER A 312 1.51 16.33 -1.20
N ASN A 313 2.75 16.19 -1.68
CA ASN A 313 3.33 17.15 -2.61
C ASN A 313 4.43 16.46 -3.42
N ALA A 314 4.81 17.08 -4.53
CA ALA A 314 5.73 16.46 -5.49
C ALA A 314 7.16 16.36 -4.94
N ASP A 315 7.55 17.30 -4.09
CA ASP A 315 8.87 17.24 -3.50
C ASP A 315 9.06 15.97 -2.67
N GLN A 316 8.05 15.63 -1.89
CA GLN A 316 8.05 14.37 -1.12
C GLN A 316 8.17 13.18 -2.04
N LEU A 317 7.39 13.19 -3.12
CA LEU A 317 7.42 12.04 -4.02
C LEU A 317 8.79 11.90 -4.67
N MET A 318 9.32 13.01 -5.18
CA MET A 318 10.62 12.99 -5.83
CA MET A 318 10.62 13.02 -5.82
C MET A 318 11.69 12.57 -4.85
N GLU A 319 11.64 13.08 -3.62
CA GLU A 319 12.57 12.62 -2.58
C GLU A 319 12.43 11.12 -2.37
N ASN A 320 11.20 10.66 -2.22
CA ASN A 320 10.96 9.27 -1.82
C ASN A 320 11.43 8.27 -2.89
N ILE A 321 11.26 8.63 -4.15
CA ILE A 321 11.74 7.81 -5.26
C ILE A 321 13.27 7.65 -5.24
N GLY A 322 13.96 8.62 -4.63
CA GLY A 322 15.40 8.54 -4.43
C GLY A 322 15.85 7.45 -3.46
N ALA A 323 14.89 6.84 -2.76
CA ALA A 323 15.20 5.68 -1.91
C ALA A 323 15.92 4.56 -2.67
N ILE A 324 15.61 4.44 -3.94
CA ILE A 324 16.20 3.43 -4.82
C ILE A 324 17.71 3.60 -4.87
N GLN A 325 18.18 4.85 -4.87
CA GLN A 325 19.62 5.15 -4.91
C GLN A 325 20.31 4.84 -3.58
N VAL A 326 19.52 4.71 -2.50
CA VAL A 326 20.05 4.36 -1.18
C VAL A 326 20.24 2.85 -1.00
N LEU A 327 19.45 2.06 -1.72
CA LEU A 327 19.47 0.62 -1.57
C LEU A 327 20.85 -0.02 -1.65
N PRO A 328 21.68 0.38 -2.63
CA PRO A 328 23.09 -0.07 -2.71
C PRO A 328 23.95 0.19 -1.48
N LYS A 329 23.59 1.16 -0.65
CA LYS A 329 24.42 1.50 0.50
C LYS A 329 24.02 0.77 1.79
N LEU A 330 23.02 -0.11 1.70
CA LEU A 330 22.41 -0.75 2.89
C LEU A 330 23.10 -2.05 3.24
N SER A 331 24.29 -1.94 3.81
CA SER A 331 25.09 -3.12 4.15
C SER A 331 24.53 -3.86 5.35
N SER A 332 25.03 -5.08 5.56
CA SER A 332 24.71 -5.86 6.76
C SER A 332 25.01 -5.08 8.05
N SER A 333 26.05 -4.25 8.04
CA SER A 333 26.42 -3.49 9.23
C SER A 333 25.46 -2.31 9.48
N ILE A 334 25.08 -1.59 8.43
CA ILE A 334 24.04 -0.55 8.54
C ILE A 334 22.71 -1.13 9.04
N ILE A 335 22.32 -2.27 8.47
CA ILE A 335 21.07 -2.89 8.85
C ILE A 335 21.11 -3.31 10.33
N HIS A 336 22.25 -3.79 10.80
CA HIS A 336 22.41 -4.19 12.20
C HIS A 336 22.37 -2.97 13.12
N GLU A 337 22.98 -1.88 12.69
CA GLU A 337 22.89 -0.60 13.39
C GLU A 337 21.45 -0.05 13.56
N ILE A 338 20.67 -0.14 12.49
CA ILE A 338 19.25 0.22 12.52
C ILE A 338 18.48 -0.71 13.48
N ASP A 339 18.72 -2.03 13.42
CA ASP A 339 18.05 -2.94 14.36
C ASP A 339 18.39 -2.60 15.81
N SER A 340 19.66 -2.25 16.06
CA SER A 340 20.09 -1.85 17.42
C SER A 340 19.33 -0.62 17.91
N ILE A 341 19.15 0.37 17.03
CA ILE A 341 18.41 1.59 17.37
C ILE A 341 16.93 1.30 17.60
N LEU A 342 16.31 0.59 16.67
CA LEU A 342 14.88 0.33 16.73
C LEU A 342 14.53 -0.59 17.91
N GLY A 343 15.40 -1.58 18.15
CA GLY A 343 15.20 -2.55 19.21
C GLY A 343 13.99 -3.46 19.06
N ASN A 344 13.51 -3.65 17.82
CA ASN A 344 12.25 -4.34 17.58
C ASN A 344 12.35 -5.44 16.52
N LYS A 345 13.55 -5.97 16.27
CA LYS A 345 13.69 -7.06 15.31
C LYS A 345 12.77 -8.21 15.77
N PRO A 346 11.88 -8.68 14.90
CA PRO A 346 10.90 -9.70 15.31
C PRO A 346 11.45 -11.14 15.26
CL CL B . -1.55 -5.10 7.92
CL CL C . 0.51 5.06 11.77
CL CL D . -14.92 -28.15 -11.47
CL CL E . -15.39 -18.50 7.10
PA NAP F . 3.35 6.94 4.18
O1A NAP F . 3.42 6.23 5.48
O2A NAP F . 4.59 7.04 3.42
O5B NAP F . 2.72 8.35 4.56
C5B NAP F . 2.69 9.29 3.47
C4B NAP F . 2.48 10.67 4.05
O4B NAP F . 3.64 11.03 4.79
C3B NAP F . 2.31 11.74 2.98
O3B NAP F . 0.97 11.92 2.60
C2B NAP F . 2.92 12.94 3.66
O2B NAP F . 2.03 13.45 4.64
C1B NAP F . 4.08 12.37 4.43
N9A NAP F . 5.32 12.27 3.66
C8A NAP F . 5.56 11.45 2.58
N7A NAP F . 6.82 11.63 2.17
C5A NAP F . 7.40 12.58 2.96
C6A NAP F . 8.68 13.17 2.97
N6A NAP F . 9.63 12.85 2.11
N1A NAP F . 8.95 14.11 3.93
C2A NAP F . 8.00 14.49 4.83
N3A NAP F . 6.74 13.92 4.82
C4A NAP F . 6.46 12.99 3.89
O3 NAP F . 2.17 6.29 3.27
PN NAP F . 0.58 6.33 3.41
O1N NAP F . 0.09 7.43 2.55
O2N NAP F . 0.09 6.11 4.76
O5D NAP F . 0.25 5.01 2.57
C5D NAP F . 0.67 4.89 1.22
C4D NAP F . -0.42 4.21 0.39
O4D NAP F . -0.59 2.93 0.96
C3D NAP F . -1.79 4.80 0.44
O3D NAP F . -2.03 5.85 -0.46
C2D NAP F . -2.65 3.58 0.12
O2D NAP F . -2.67 3.35 -1.29
C1D NAP F . -1.92 2.46 0.80
N1N NAP F . -2.58 2.13 2.07
C2N NAP F . -3.31 0.99 2.11
C3N NAP F . -3.98 0.68 3.28
C7N NAP F . -4.76 -0.58 3.36
O7N NAP F . -5.62 -0.69 4.40
N7N NAP F . -4.54 -1.57 2.52
C4N NAP F . -3.95 1.51 4.42
C5N NAP F . -3.17 2.66 4.35
C6N NAP F . -2.50 2.96 3.18
P2B NAP F . 1.69 14.99 4.99
O1X NAP F . 2.04 15.11 6.44
O2X NAP F . 2.55 15.87 4.11
O3X NAP F . 0.26 15.27 4.75
#